data_5B8H
#
_entry.id   5B8H
#
_cell.length_a   44.210
_cell.length_b   72.750
_cell.length_c   154.020
_cell.angle_alpha   90.000
_cell.angle_beta   90.000
_cell.angle_gamma   90.000
#
_symmetry.space_group_name_H-M   'P 21 21 21'
#
loop_
_entity.id
_entity.type
_entity.pdbx_description
1 polymer 'Type III pantothenate kinase'
2 non-polymer 'IMIDODIPHOSPHORIC ACID'
3 non-polymer 'PANTOTHENOIC ACID'
4 non-polymer 1,2-ETHANEDIOL
5 non-polymer 'ADENOSINE MONOPHOSPHATE'
6 water water
#
_entity_poly.entity_id   1
_entity_poly.type   'polypeptide(L)'
_entity_poly.pdbx_seq_one_letter_code
;(MSE)HHHHHHSSGVDLGTENLYFQSNA(MSE)SEPHLLIDAGNSRIKWALADARRTLVDTGAFGHTRDGGADPDWSRLP
RPRGAWISNVAGADVAARIDALLDARWPGLPRTTIRSRPAQCGVTNGYTTPEQLGSDRWAGLIGAHAAFPGEHLLIATFG
TATTLEALRADGCFTGGLIAPGWAL(MSE)(MSE)RALGTHTAQLPTLTTDIASGLLAGAQAEPFQVDTPRSLSAGCLYA
QAGLIERAWRDLVAAWQAPVRLVLAGGAADDVARALTIAHTRHDTLILSGLALIAADAADPATAPD
;
_entity_poly.pdbx_strand_id   A,B
#
# COMPACT_ATOMS: atom_id res chain seq x y z
N SER A 26 -33.09 14.83 27.02
CA SER A 26 -33.93 13.78 26.45
C SER A 26 -33.69 13.66 24.95
N GLU A 27 -33.13 14.70 24.36
CA GLU A 27 -32.96 14.78 22.91
C GLU A 27 -31.70 14.06 22.43
N PRO A 28 -31.89 12.99 21.65
CA PRO A 28 -30.78 12.19 21.11
C PRO A 28 -30.07 12.86 19.94
N HIS A 29 -28.83 12.47 19.68
CA HIS A 29 -28.06 13.04 18.59
C HIS A 29 -27.75 11.99 17.54
N LEU A 30 -27.98 12.32 16.28
CA LEU A 30 -27.61 11.43 15.19
C LEU A 30 -26.22 11.80 14.69
N LEU A 31 -25.35 10.81 14.61
CA LEU A 31 -23.96 11.04 14.23
C LEU A 31 -23.65 10.32 12.92
N ILE A 32 -23.10 11.04 11.96
CA ILE A 32 -22.79 10.46 10.66
C ILE A 32 -21.29 10.48 10.42
N ASP A 33 -20.72 9.31 10.16
CA ASP A 33 -19.33 9.19 9.74
C ASP A 33 -19.27 8.66 8.31
N ALA A 34 -19.20 9.57 7.35
CA ALA A 34 -19.19 9.19 5.95
C ALA A 34 -17.75 9.11 5.43
N GLY A 35 -17.34 7.90 5.06
CA GLY A 35 -16.02 7.68 4.48
C GLY A 35 -16.12 7.45 2.99
N ASN A 36 -14.98 7.09 2.37
CA ASN A 36 -14.93 6.89 0.93
C ASN A 36 -15.44 5.50 0.53
N SER A 37 -15.69 4.65 1.50
CA SER A 37 -16.19 3.30 1.22
C SER A 37 -17.57 3.07 1.83
N ARG A 38 -17.72 3.41 3.11
N ARG A 38 -17.72 3.41 3.11
CA ARG A 38 -18.99 3.20 3.81
CA ARG A 38 -18.97 3.20 3.84
C ARG A 38 -19.42 4.45 4.56
C ARG A 38 -19.41 4.46 4.58
N ILE A 39 -20.71 4.52 4.87
CA ILE A 39 -21.24 5.62 5.67
C ILE A 39 -21.74 5.05 6.99
N LYS A 40 -21.05 5.38 8.07
CA LYS A 40 -21.40 4.87 9.39
C LYS A 40 -22.27 5.88 10.13
N TRP A 41 -23.17 5.37 10.96
CA TRP A 41 -24.06 6.24 11.73
C TRP A 41 -24.30 5.69 13.13
N ALA A 42 -24.77 6.57 14.03
CA ALA A 42 -25.08 6.18 15.40
C ALA A 42 -26.06 7.16 16.03
N LEU A 43 -26.95 6.62 16.86
CA LEU A 43 -27.86 7.44 17.65
C LEU A 43 -27.35 7.47 19.09
N ALA A 44 -27.10 8.68 19.61
CA ALA A 44 -26.39 8.81 20.89
C ALA A 44 -27.23 9.41 22.00
N ASP A 45 -27.05 8.88 23.21
CA ASP A 45 -27.67 9.42 24.41
C ASP A 45 -26.62 9.99 25.34
N ALA A 46 -27.07 10.81 26.30
CA ALA A 46 -26.21 11.38 27.33
C ALA A 46 -24.99 12.09 26.74
N ARG A 47 -23.84 11.89 27.39
CA ARG A 47 -22.59 12.51 26.94
C ARG A 47 -22.10 11.88 25.64
N ARG A 48 -22.17 10.56 25.56
CA ARG A 48 -21.63 9.83 24.42
C ARG A 48 -22.13 8.39 24.33
N THR A 49 -23.27 8.11 24.93
CA THR A 49 -23.80 6.75 24.93
C THR A 49 -24.37 6.36 23.57
N LEU A 50 -23.67 5.48 22.87
CA LEU A 50 -24.12 5.02 21.55
C LEU A 50 -25.21 3.96 21.68
N VAL A 51 -26.45 4.36 21.44
CA VAL A 51 -27.59 3.46 21.61
C VAL A 51 -27.73 2.54 20.40
N ASP A 52 -27.90 3.12 19.21
CA ASP A 52 -28.03 2.34 17.98
C ASP A 52 -26.92 2.71 17.01
N THR A 53 -26.45 1.74 16.25
CA THR A 53 -25.42 1.97 15.24
C THR A 53 -25.72 1.22 13.95
N GLY A 54 -25.01 1.59 12.88
CA GLY A 54 -25.18 0.95 11.59
C GLY A 54 -24.29 1.53 10.51
N ALA A 55 -24.34 0.94 9.33
CA ALA A 55 -23.56 1.40 8.20
C ALA A 55 -24.24 1.04 6.89
N PHE A 56 -23.91 1.76 5.83
CA PHE A 56 -24.42 1.45 4.50
C PHE A 56 -23.48 1.94 3.41
N GLY A 57 -23.51 1.28 2.26
CA GLY A 57 -22.62 1.59 1.16
C GLY A 57 -23.05 2.79 0.33
N HIS A 58 -22.21 3.17 -0.62
CA HIS A 58 -22.49 4.31 -1.49
C HIS A 58 -23.38 3.91 -2.66
N THR A 59 -24.01 4.90 -3.27
CA THR A 59 -24.87 4.68 -4.43
C THR A 59 -24.08 4.08 -5.58
N ARG A 60 -22.85 4.55 -5.75
CA ARG A 60 -21.98 4.09 -6.83
C ARG A 60 -21.60 2.62 -6.64
N ASP A 61 -21.82 2.08 -5.45
CA ASP A 61 -21.48 0.70 -5.15
C ASP A 61 -22.73 -0.15 -4.97
N GLY A 62 -23.89 0.42 -5.27
CA GLY A 62 -25.15 -0.28 -5.12
C GLY A 62 -25.62 -0.38 -3.69
N GLY A 63 -25.09 0.50 -2.84
CA GLY A 63 -25.44 0.52 -1.43
C GLY A 63 -26.88 0.92 -1.17
N ALA A 64 -27.49 0.26 -0.19
CA ALA A 64 -28.87 0.54 0.18
C ALA A 64 -28.97 1.75 1.09
N ASP A 65 -30.18 2.04 1.56
CA ASP A 65 -30.42 3.13 2.49
C ASP A 65 -30.46 2.59 3.92
N PRO A 66 -30.04 3.42 4.89
CA PRO A 66 -30.02 2.99 6.30
C PRO A 66 -31.41 2.67 6.85
N ASP A 67 -31.49 1.71 7.74
CA ASP A 67 -32.75 1.39 8.41
C ASP A 67 -32.92 2.29 9.62
N TRP A 68 -33.58 3.43 9.41
CA TRP A 68 -33.86 4.37 10.49
C TRP A 68 -35.33 4.31 10.86
N SER A 69 -35.98 3.20 10.52
CA SER A 69 -37.42 3.06 10.66
C SER A 69 -37.87 2.84 12.10
N ARG A 70 -36.94 2.52 12.99
CA ARG A 70 -37.28 2.26 14.39
C ARG A 70 -36.74 3.36 15.30
N LEU A 71 -36.12 4.36 14.71
CA LEU A 71 -35.49 5.43 15.47
C LEU A 71 -36.43 6.59 15.75
N PRO A 72 -36.30 7.19 16.95
CA PRO A 72 -37.04 8.42 17.26
C PRO A 72 -36.40 9.63 16.59
N ARG A 73 -37.10 10.77 16.59
CA ARG A 73 -36.56 11.98 15.98
C ARG A 73 -35.45 12.55 16.85
N PRO A 74 -34.24 12.69 16.28
CA PRO A 74 -33.10 13.29 16.99
C PRO A 74 -33.29 14.80 17.16
N ARG A 75 -32.45 15.42 17.99
CA ARG A 75 -32.47 16.87 18.11
C ARG A 75 -31.77 17.49 16.91
N GLY A 76 -30.76 16.77 16.41
CA GLY A 76 -29.99 17.23 15.27
C GLY A 76 -29.01 16.19 14.79
N ALA A 77 -28.42 16.44 13.63
CA ALA A 77 -27.42 15.53 13.08
C ALA A 77 -26.06 16.20 13.04
N TRP A 78 -25.04 15.48 13.49
CA TRP A 78 -23.66 15.94 13.38
C TRP A 78 -22.91 15.05 12.39
N ILE A 79 -22.39 15.68 11.34
CA ILE A 79 -21.87 14.92 10.20
C ILE A 79 -20.37 15.12 10.01
N SER A 80 -19.67 14.01 9.85
CA SER A 80 -18.31 14.02 9.33
C SER A 80 -18.33 13.41 7.94
N ASN A 81 -17.83 14.15 6.97
CA ASN A 81 -17.80 13.66 5.59
C ASN A 81 -16.48 13.99 4.91
N VAL A 82 -15.79 12.96 4.45
CA VAL A 82 -14.54 13.13 3.71
C VAL A 82 -14.72 12.58 2.29
N ALA A 83 -15.97 12.34 1.91
CA ALA A 83 -16.26 11.66 0.66
C ALA A 83 -16.87 12.57 -0.41
N GLY A 84 -16.77 13.87 -0.22
CA GLY A 84 -17.17 14.81 -1.26
C GLY A 84 -18.60 15.33 -1.20
N ALA A 85 -18.92 16.21 -2.15
CA ALA A 85 -20.19 16.92 -2.17
C ALA A 85 -21.38 16.03 -2.54
N ASP A 86 -21.15 15.06 -3.43
CA ASP A 86 -22.22 14.15 -3.84
C ASP A 86 -22.74 13.36 -2.65
N VAL A 87 -21.82 12.81 -1.86
CA VAL A 87 -22.18 12.05 -0.67
C VAL A 87 -22.87 12.97 0.34
N ALA A 88 -22.36 14.19 0.46
CA ALA A 88 -22.93 15.18 1.38
C ALA A 88 -24.39 15.46 1.01
N ALA A 89 -24.67 15.50 -0.28
CA ALA A 89 -26.03 15.77 -0.76
C ALA A 89 -26.95 14.59 -0.51
N ARG A 90 -26.41 13.38 -0.65
CA ARG A 90 -27.19 12.17 -0.41
C ARG A 90 -27.58 12.07 1.06
N ILE A 91 -26.63 12.38 1.94
CA ILE A 91 -26.86 12.34 3.38
C ILE A 91 -27.95 13.34 3.76
N ASP A 92 -27.85 14.55 3.23
CA ASP A 92 -28.84 15.58 3.48
C ASP A 92 -30.23 15.14 3.03
N ALA A 93 -30.28 14.48 1.88
CA ALA A 93 -31.53 14.00 1.31
C ALA A 93 -32.14 12.92 2.17
N LEU A 94 -31.31 11.99 2.65
CA LEU A 94 -31.76 10.92 3.51
C LEU A 94 -32.34 11.46 4.81
N LEU A 95 -31.69 12.49 5.35
CA LEU A 95 -32.14 13.12 6.59
C LEU A 95 -33.43 13.89 6.39
N ASP A 96 -33.51 14.65 5.30
CA ASP A 96 -34.69 15.44 4.98
C ASP A 96 -35.92 14.55 4.77
N ALA A 97 -35.71 13.38 4.18
CA ALA A 97 -36.80 12.46 3.91
C ALA A 97 -37.30 11.79 5.17
N ARG A 98 -36.37 11.31 5.99
CA ARG A 98 -36.71 10.58 7.21
C ARG A 98 -37.18 11.50 8.33
N TRP A 99 -36.40 12.55 8.60
CA TRP A 99 -36.77 13.54 9.62
C TRP A 99 -36.77 14.95 9.04
N PRO A 100 -37.90 15.34 8.43
CA PRO A 100 -38.02 16.68 7.82
C PRO A 100 -37.75 17.80 8.83
N GLY A 101 -36.92 18.76 8.46
CA GLY A 101 -36.64 19.90 9.32
C GLY A 101 -35.61 19.63 10.39
N LEU A 102 -34.94 18.49 10.33
CA LEU A 102 -33.91 18.14 11.30
C LEU A 102 -32.70 19.04 11.15
N PRO A 103 -32.31 19.70 12.25
CA PRO A 103 -31.07 20.49 12.26
C PRO A 103 -29.86 19.62 11.93
N ARG A 104 -28.92 20.16 11.17
CA ARG A 104 -27.73 19.40 10.82
CA ARG A 104 -27.72 19.40 10.79
C ARG A 104 -26.47 20.25 10.88
N THR A 105 -25.37 19.64 11.30
CA THR A 105 -24.10 20.32 11.40
C THR A 105 -23.00 19.46 10.79
N THR A 106 -22.28 20.01 9.82
CA THR A 106 -21.11 19.34 9.26
C THR A 106 -19.87 19.88 9.94
N ILE A 107 -19.08 18.97 10.51
CA ILE A 107 -17.92 19.39 11.30
C ILE A 107 -16.69 19.55 10.42
N ARG A 108 -15.78 20.41 10.86
CA ARG A 108 -14.48 20.59 10.21
C ARG A 108 -13.40 20.55 11.27
N SER A 109 -12.22 20.06 10.91
CA SER A 109 -11.10 20.01 11.84
C SER A 109 -10.74 21.40 12.33
N ARG A 110 -10.50 21.52 13.63
CA ARG A 110 -10.21 22.80 14.26
C ARG A 110 -8.80 22.84 14.82
N PRO A 111 -8.27 24.05 15.08
CA PRO A 111 -6.97 24.16 15.77
C PRO A 111 -6.95 23.45 17.12
N ALA A 112 -8.07 23.49 17.82
CA ALA A 112 -8.20 22.82 19.12
C ALA A 112 -9.68 22.61 19.46
N GLN A 113 -9.97 21.47 20.07
CA GLN A 113 -11.34 21.13 20.43
C GLN A 113 -11.39 19.94 21.39
N CYS A 114 -12.18 20.08 22.45
CA CYS A 114 -12.39 19.03 23.46
C CYS A 114 -11.08 18.42 23.98
N GLY A 115 -10.13 19.28 24.29
CA GLY A 115 -8.88 18.85 24.91
C GLY A 115 -7.78 18.45 23.94
N VAL A 116 -8.10 18.40 22.65
CA VAL A 116 -7.13 18.01 21.63
C VAL A 116 -6.58 19.23 20.92
N THR A 117 -5.26 19.26 20.72
CA THR A 117 -4.63 20.34 19.98
C THR A 117 -4.13 19.85 18.63
N ASN A 118 -4.55 20.53 17.57
CA ASN A 118 -4.23 20.12 16.20
C ASN A 118 -2.84 20.60 15.79
N GLY A 119 -1.95 19.65 15.57
CA GLY A 119 -0.57 19.98 15.19
C GLY A 119 -0.36 20.22 13.71
N TYR A 120 -1.42 20.10 12.92
CA TYR A 120 -1.34 20.34 11.49
C TYR A 120 -0.98 21.79 11.18
N THR A 121 -0.15 21.98 10.16
CA THR A 121 0.21 23.31 9.71
C THR A 121 -1.05 24.06 9.30
N THR A 122 -1.91 23.38 8.55
CA THR A 122 -3.23 23.89 8.20
C THR A 122 -4.27 22.97 8.82
N PRO A 123 -4.70 23.29 10.06
CA PRO A 123 -5.59 22.44 10.86
C PRO A 123 -6.82 21.94 10.12
N GLU A 124 -7.37 22.79 9.26
CA GLU A 124 -8.62 22.48 8.56
C GLU A 124 -8.43 21.39 7.50
N GLN A 125 -7.19 21.14 7.09
CA GLN A 125 -6.89 20.14 6.08
C GLN A 125 -6.95 18.72 6.64
N LEU A 126 -6.80 18.59 7.95
CA LEU A 126 -6.92 17.30 8.61
C LEU A 126 -8.32 16.75 8.39
N GLY A 127 -8.41 15.47 7.99
CA GLY A 127 -9.68 14.82 7.79
C GLY A 127 -10.55 14.89 9.03
N SER A 128 -11.80 15.32 8.86
CA SER A 128 -12.70 15.51 9.98
C SER A 128 -12.95 14.21 10.74
N ASP A 129 -12.83 13.09 10.03
CA ASP A 129 -12.99 11.79 10.66
C ASP A 129 -11.81 11.48 11.57
N ARG A 130 -10.62 11.89 11.14
CA ARG A 130 -9.41 11.73 11.95
C ARG A 130 -9.48 12.65 13.17
N TRP A 131 -10.04 13.84 12.99
CA TRP A 131 -10.17 14.81 14.06
C TRP A 131 -11.15 14.31 15.12
N ALA A 132 -12.32 13.83 14.68
CA ALA A 132 -13.32 13.28 15.58
C ALA A 132 -12.77 12.07 16.32
N GLY A 133 -12.04 11.23 15.61
CA GLY A 133 -11.42 10.07 16.21
C GLY A 133 -10.39 10.43 17.26
N LEU A 134 -9.66 11.51 17.01
CA LEU A 134 -8.67 12.02 17.96
C LEU A 134 -9.35 12.51 19.24
N ILE A 135 -10.49 13.15 19.08
CA ILE A 135 -11.26 13.65 20.20
C ILE A 135 -11.80 12.49 21.03
N GLY A 136 -12.25 11.44 20.36
CA GLY A 136 -12.73 10.26 21.02
C GLY A 136 -11.65 9.51 21.78
N ALA A 137 -10.46 9.44 21.20
CA ALA A 137 -9.34 8.72 21.79
C ALA A 137 -8.79 9.45 23.01
N HIS A 138 -8.83 10.78 22.97
CA HIS A 138 -8.36 11.60 24.08
C HIS A 138 -9.21 11.36 25.32
N ALA A 139 -10.52 11.22 25.12
CA ALA A 139 -11.45 10.98 26.21
C ALA A 139 -11.41 9.52 26.67
N ALA A 140 -11.25 8.61 25.72
CA ALA A 140 -11.32 7.18 26.01
C ALA A 140 -10.06 6.66 26.70
N PHE A 141 -8.94 7.34 26.51
CA PHE A 141 -7.69 6.91 27.12
C PHE A 141 -7.00 8.05 27.86
N PRO A 142 -7.55 8.44 29.02
CA PRO A 142 -7.00 9.57 29.80
C PRO A 142 -5.59 9.29 30.31
N GLY A 143 -4.70 10.27 30.11
CA GLY A 143 -3.35 10.18 30.63
C GLY A 143 -2.38 9.33 29.85
N GLU A 144 -2.78 8.87 28.67
CA GLU A 144 -1.94 7.95 27.90
C GLU A 144 -1.46 8.53 26.58
N HIS A 145 -0.23 8.19 26.21
CA HIS A 145 0.29 8.47 24.88
C HIS A 145 -0.26 7.43 23.92
N LEU A 146 -0.70 7.87 22.74
CA LEU A 146 -1.39 6.95 21.82
C LEU A 146 -0.83 6.96 20.41
N LEU A 147 -0.85 5.79 19.77
CA LEU A 147 -0.77 5.69 18.33
C LEU A 147 -2.10 5.10 17.84
N ILE A 148 -2.84 5.88 17.07
CA ILE A 148 -4.15 5.44 16.61
C ILE A 148 -4.07 4.92 15.18
N ALA A 149 -4.42 3.64 15.01
CA ALA A 149 -4.47 3.04 13.68
C ALA A 149 -5.91 2.81 13.26
N THR A 150 -6.35 3.51 12.22
CA THR A 150 -7.71 3.37 11.73
C THR A 150 -7.72 2.79 10.31
N PHE A 151 -8.43 1.68 10.13
CA PHE A 151 -8.45 0.97 8.85
C PHE A 151 -9.75 1.20 8.09
N GLY A 152 -9.66 2.01 7.04
CA GLY A 152 -10.79 2.21 6.14
C GLY A 152 -10.32 2.07 4.71
N THR A 153 -10.83 2.93 3.83
CA THR A 153 -10.32 3.00 2.46
C THR A 153 -8.81 3.24 2.50
N ALA A 154 -8.41 4.12 3.42
CA ALA A 154 -7.00 4.35 3.69
C ALA A 154 -6.70 3.90 5.12
N THR A 155 -5.43 3.58 5.37
CA THR A 155 -4.97 3.35 6.72
C THR A 155 -4.31 4.63 7.24
N THR A 156 -4.86 5.17 8.32
CA THR A 156 -4.35 6.42 8.86
C THR A 156 -3.77 6.22 10.25
N LEU A 157 -2.64 6.88 10.51
CA LEU A 157 -2.04 6.86 11.83
C LEU A 157 -2.02 8.27 12.43
N GLU A 158 -2.26 8.36 13.73
CA GLU A 158 -2.11 9.62 14.44
C GLU A 158 -1.38 9.42 15.76
N ALA A 159 -0.36 10.24 15.99
CA ALA A 159 0.32 10.26 17.27
C ALA A 159 -0.35 11.26 18.19
N LEU A 160 -0.80 10.80 19.35
CA LEU A 160 -1.51 11.67 20.28
C LEU A 160 -0.87 11.64 21.66
N ARG A 161 -0.46 12.81 22.14
CA ARG A 161 0.12 12.93 23.47
C ARG A 161 -0.96 12.80 24.54
N ALA A 162 -0.54 12.44 25.75
CA ALA A 162 -1.46 12.31 26.86
C ALA A 162 -2.16 13.63 27.17
N ASP A 163 -1.46 14.73 26.94
CA ASP A 163 -2.01 16.07 27.21
C ASP A 163 -3.01 16.50 26.15
N GLY A 164 -3.05 15.76 25.04
CA GLY A 164 -3.99 16.03 23.98
C GLY A 164 -3.37 16.57 22.70
N CYS A 165 -2.06 16.71 22.69
CA CYS A 165 -1.36 17.21 21.51
C CYS A 165 -1.29 16.18 20.39
N PHE A 166 -2.02 16.44 19.31
CA PHE A 166 -1.87 15.66 18.09
C PHE A 166 -0.65 16.17 17.33
N THR A 167 0.44 15.42 17.43
CA THR A 167 1.75 15.90 16.99
C THR A 167 2.04 15.56 15.53
N GLY A 168 1.32 14.61 14.97
CA GLY A 168 1.53 14.23 13.58
C GLY A 168 0.95 12.88 13.22
N GLY A 169 0.94 12.58 11.93
CA GLY A 169 0.42 11.31 11.45
C GLY A 169 0.89 10.93 10.06
N LEU A 170 0.24 9.93 9.48
CA LEU A 170 0.59 9.48 8.14
C LEU A 170 -0.59 8.80 7.48
N ILE A 171 -0.58 8.76 6.15
CA ILE A 171 -1.67 8.18 5.37
C ILE A 171 -1.14 7.14 4.40
N ALA A 172 -1.71 5.94 4.46
CA ALA A 172 -1.37 4.87 3.53
C ALA A 172 -2.66 4.24 3.00
N PRO A 173 -2.60 3.62 1.82
CA PRO A 173 -3.80 2.95 1.32
C PRO A 173 -4.18 1.74 2.17
N GLY A 174 -5.47 1.46 2.28
CA GLY A 174 -5.94 0.33 3.06
C GLY A 174 -5.59 -0.99 2.42
N TRP A 175 -5.91 -2.08 3.12
CA TRP A 175 -5.61 -3.42 2.64
C TRP A 175 -6.33 -3.73 1.33
N ALA A 176 -7.63 -3.41 1.30
CA ALA A 176 -8.44 -3.64 0.11
C ALA A 176 -7.98 -2.79 -1.07
N LEU A 177 -7.65 -1.53 -0.78
CA LEU A 177 -7.22 -0.59 -1.82
C LEU A 177 -5.89 -1.00 -2.44
N ARG A 180 -6.64 -3.88 -4.75
CA ARG A 180 -7.41 -3.37 -5.89
C ARG A 180 -6.47 -2.66 -6.86
N ALA A 181 -5.52 -1.90 -6.31
CA ALA A 181 -4.55 -1.19 -7.11
C ALA A 181 -3.68 -2.15 -7.91
N LEU A 182 -3.27 -3.23 -7.26
CA LEU A 182 -2.48 -4.28 -7.92
C LEU A 182 -3.29 -4.95 -9.02
N GLY A 183 -4.59 -5.13 -8.76
CA GLY A 183 -5.46 -5.79 -9.71
C GLY A 183 -5.73 -4.99 -10.97
N THR A 184 -5.81 -3.67 -10.83
CA THR A 184 -6.19 -2.80 -11.94
C THR A 184 -4.97 -2.30 -12.74
N HIS A 185 -3.83 -2.18 -12.07
CA HIS A 185 -2.67 -1.57 -12.71
C HIS A 185 -1.61 -2.58 -13.14
N THR A 186 -1.93 -3.86 -13.01
CA THR A 186 -1.06 -4.91 -13.53
C THR A 186 -1.89 -5.84 -14.41
N ALA A 187 -1.26 -6.35 -15.47
CA ALA A 187 -1.98 -7.19 -16.43
C ALA A 187 -2.25 -8.59 -15.89
N GLN A 188 -1.35 -9.09 -15.05
CA GLN A 188 -1.40 -10.49 -14.66
C GLN A 188 -1.87 -10.75 -13.22
N LEU A 189 -2.15 -9.69 -12.47
CA LEU A 189 -2.68 -9.87 -11.12
C LEU A 189 -4.18 -9.60 -11.09
N PRO A 190 -4.94 -10.51 -10.46
CA PRO A 190 -6.37 -10.33 -10.28
C PRO A 190 -6.67 -9.44 -9.09
N THR A 191 -7.91 -8.94 -8.99
CA THR A 191 -8.32 -8.20 -7.82
C THR A 191 -8.83 -9.17 -6.75
N LEU A 192 -8.27 -9.09 -5.56
CA LEU A 192 -8.74 -9.90 -4.45
C LEU A 192 -9.48 -9.03 -3.46
N THR A 193 -10.61 -9.53 -2.96
CA THR A 193 -11.32 -8.85 -1.88
C THR A 193 -10.70 -9.26 -0.55
N THR A 194 -11.04 -8.55 0.51
CA THR A 194 -10.50 -8.88 1.83
C THR A 194 -11.07 -10.22 2.31
N ASP A 195 -12.30 -10.52 1.91
CA ASP A 195 -12.90 -11.82 2.22
C ASP A 195 -12.10 -12.96 1.62
N ILE A 196 -11.71 -12.80 0.36
CA ILE A 196 -10.95 -13.81 -0.36
C ILE A 196 -9.54 -13.91 0.23
N ALA A 197 -8.91 -12.77 0.43
CA ALA A 197 -7.55 -12.72 0.98
C ALA A 197 -7.50 -13.34 2.37
N SER A 198 -8.44 -12.95 3.22
CA SER A 198 -8.51 -13.47 4.59
C SER A 198 -8.72 -14.99 4.61
N GLY A 199 -9.58 -15.46 3.70
CA GLY A 199 -9.84 -16.88 3.58
C GLY A 199 -8.61 -17.65 3.15
N LEU A 200 -7.79 -17.03 2.31
CA LEU A 200 -6.59 -17.68 1.78
C LEU A 200 -5.43 -17.62 2.78
N LEU A 201 -5.48 -16.66 3.70
CA LEU A 201 -4.41 -16.49 4.67
C LEU A 201 -4.75 -17.07 6.04
N ALA A 202 -5.96 -17.60 6.17
CA ALA A 202 -6.46 -18.10 7.46
C ALA A 202 -5.66 -19.29 7.98
N GLY A 203 -5.29 -19.23 9.25
CA GLY A 203 -4.62 -20.35 9.90
C GLY A 203 -3.17 -20.54 9.52
N ALA A 204 -2.78 -21.79 9.27
CA ALA A 204 -1.40 -22.13 8.93
C ALA A 204 -1.07 -21.74 7.49
N GLN A 205 -2.08 -21.26 6.77
CA GLN A 205 -1.89 -20.80 5.40
C GLN A 205 -0.93 -19.62 5.33
N ALA A 206 -1.04 -18.72 6.29
CA ALA A 206 -0.21 -17.52 6.34
C ALA A 206 1.23 -17.85 6.69
N GLU A 207 2.16 -17.33 5.90
CA GLU A 207 3.59 -17.52 6.12
C GLU A 207 4.31 -16.20 5.88
N PRO A 208 5.55 -16.07 6.39
CA PRO A 208 6.33 -14.86 6.09
C PRO A 208 6.48 -14.63 4.58
N PHE A 209 6.55 -15.71 3.82
CA PHE A 209 6.62 -15.66 2.37
C PHE A 209 5.68 -16.71 1.78
N GLN A 210 5.14 -16.43 0.60
CA GLN A 210 4.16 -17.34 0.00
C GLN A 210 4.66 -17.95 -1.30
N VAL A 211 4.07 -19.07 -1.70
CA VAL A 211 4.51 -19.80 -2.88
C VAL A 211 3.43 -19.85 -3.97
N ASP A 212 2.49 -18.90 -3.92
CA ASP A 212 1.49 -18.77 -4.97
C ASP A 212 1.01 -17.33 -5.06
N THR A 213 0.48 -16.95 -6.22
CA THR A 213 0.15 -15.55 -6.51
C THR A 213 -0.91 -14.92 -5.58
N PRO A 214 -2.08 -15.56 -5.41
CA PRO A 214 -3.07 -14.87 -4.58
C PRO A 214 -2.64 -14.69 -3.12
N ARG A 215 -1.93 -15.65 -2.56
CA ARG A 215 -1.48 -15.55 -1.17
C ARG A 215 -0.30 -14.58 -1.04
N SER A 216 0.60 -14.59 -2.03
CA SER A 216 1.71 -13.64 -2.06
C SER A 216 1.16 -12.23 -2.12
N LEU A 217 0.12 -12.06 -2.92
CA LEU A 217 -0.58 -10.79 -3.06
C LEU A 217 -1.26 -10.39 -1.76
N SER A 218 -2.00 -11.33 -1.18
CA SER A 218 -2.71 -11.11 0.08
C SER A 218 -1.76 -10.77 1.21
N ALA A 219 -0.72 -11.59 1.37
CA ALA A 219 0.21 -11.44 2.48
C ALA A 219 1.04 -10.17 2.34
N GLY A 220 1.51 -9.89 1.12
CA GLY A 220 2.34 -8.73 0.86
C GLY A 220 1.71 -7.42 1.28
N CYS A 221 0.45 -7.25 0.92
CA CYS A 221 -0.29 -6.03 1.27
C CYS A 221 -0.61 -5.99 2.76
N LEU A 222 -0.95 -7.15 3.32
CA LEU A 222 -1.27 -7.25 4.74
C LEU A 222 -0.04 -6.96 5.60
N TYR A 223 1.09 -7.56 5.23
CA TYR A 223 2.34 -7.36 5.95
C TYR A 223 2.86 -5.94 5.75
N ALA A 224 2.38 -5.29 4.70
CA ALA A 224 2.69 -3.88 4.48
C ALA A 224 1.94 -3.04 5.50
N GLN A 225 0.71 -3.44 5.80
CA GLN A 225 -0.10 -2.78 6.82
C GLN A 225 0.55 -2.95 8.19
N ALA A 226 0.78 -4.20 8.57
CA ALA A 226 1.39 -4.52 9.86
C ALA A 226 2.79 -3.92 9.97
N GLY A 227 3.57 -4.05 8.90
CA GLY A 227 4.91 -3.51 8.87
C GLY A 227 4.97 -2.01 9.06
N LEU A 228 4.02 -1.31 8.44
CA LEU A 228 3.89 0.13 8.59
C LEU A 228 3.63 0.51 10.04
N ILE A 229 2.65 -0.15 10.64
CA ILE A 229 2.22 0.14 12.00
C ILE A 229 3.34 -0.13 13.01
N GLU A 230 4.00 -1.27 12.85
CA GLU A 230 5.06 -1.66 13.79
C GLU A 230 6.25 -0.71 13.69
N ARG A 231 6.57 -0.29 12.48
CA ARG A 231 7.67 0.66 12.26
C ARG A 231 7.36 2.01 12.90
N ALA A 232 6.14 2.51 12.65
CA ALA A 232 5.74 3.81 13.17
C ALA A 232 5.62 3.79 14.68
N TRP A 233 5.16 2.66 15.24
CA TRP A 233 4.99 2.53 16.67
C TRP A 233 6.32 2.53 17.40
N ARG A 234 7.27 1.74 16.92
CA ARG A 234 8.58 1.65 17.54
C ARG A 234 9.32 2.98 17.45
N ASP A 235 9.12 3.69 16.33
CA ASP A 235 9.73 5.00 16.16
C ASP A 235 9.15 6.01 17.14
N LEU A 236 7.85 5.90 17.38
CA LEU A 236 7.16 6.82 18.28
C LEU A 236 7.60 6.61 19.72
N VAL A 237 7.68 5.34 20.14
CA VAL A 237 8.13 5.00 21.47
C VAL A 237 9.56 5.48 21.68
N ALA A 238 10.39 5.26 20.67
CA ALA A 238 11.79 5.69 20.72
C ALA A 238 11.89 7.21 20.79
N ALA A 239 10.99 7.89 20.08
CA ALA A 239 10.98 9.34 20.05
C ALA A 239 10.54 9.93 21.38
N TRP A 240 9.36 9.54 21.83
CA TRP A 240 8.79 10.09 23.06
C TRP A 240 9.43 9.50 24.32
N GLN A 241 10.12 8.37 24.17
CA GLN A 241 10.78 7.69 25.28
C GLN A 241 9.82 7.45 26.45
N ALA A 242 8.60 7.03 26.12
CA ALA A 242 7.55 6.82 27.10
C ALA A 242 6.60 5.74 26.59
N PRO A 243 5.80 5.14 27.50
CA PRO A 243 4.81 4.16 27.05
C PRO A 243 3.84 4.74 26.02
N VAL A 244 3.54 3.96 24.98
CA VAL A 244 2.59 4.38 23.95
C VAL A 244 1.64 3.23 23.66
N ARG A 245 0.34 3.47 23.85
CA ARG A 245 -0.65 2.44 23.58
C ARG A 245 -1.03 2.46 22.11
N LEU A 246 -0.91 1.31 21.46
CA LEU A 246 -1.36 1.15 20.08
C LEU A 246 -2.86 0.84 20.09
N VAL A 247 -3.63 1.65 19.37
CA VAL A 247 -5.08 1.46 19.33
C VAL A 247 -5.53 1.22 17.89
N LEU A 248 -6.30 0.16 17.69
CA LEU A 248 -6.75 -0.25 16.37
C LEU A 248 -8.24 0.04 16.18
N ALA A 249 -8.59 0.54 15.01
CA ALA A 249 -9.99 0.81 14.68
C ALA A 249 -10.26 0.51 13.22
N GLY A 250 -11.48 0.06 12.91
CA GLY A 250 -11.85 -0.24 11.54
C GLY A 250 -12.12 -1.71 11.30
N GLY A 251 -12.51 -2.04 10.07
CA GLY A 251 -12.85 -3.41 9.72
C GLY A 251 -11.68 -4.36 9.54
N ALA A 252 -10.64 -3.88 8.87
CA ALA A 252 -9.49 -4.72 8.54
C ALA A 252 -8.58 -4.95 9.74
N ALA A 253 -8.91 -4.33 10.87
CA ALA A 253 -8.09 -4.40 12.08
C ALA A 253 -7.87 -5.84 12.54
N ASP A 254 -8.89 -6.67 12.41
CA ASP A 254 -8.82 -8.07 12.82
C ASP A 254 -7.69 -8.83 12.11
N ASP A 255 -7.63 -8.69 10.80
CA ASP A 255 -6.61 -9.37 10.01
C ASP A 255 -5.23 -8.80 10.27
N VAL A 256 -5.14 -7.47 10.35
CA VAL A 256 -3.87 -6.80 10.60
C VAL A 256 -3.36 -7.16 11.99
N ALA A 257 -4.28 -7.32 12.94
CA ALA A 257 -3.93 -7.68 14.31
C ALA A 257 -3.16 -8.99 14.37
N ARG A 258 -3.60 -9.96 13.59
CA ARG A 258 -2.94 -11.27 13.55
CA ARG A 258 -2.95 -11.27 13.56
C ARG A 258 -1.52 -11.16 13.04
N ALA A 259 -1.31 -10.26 12.09
CA ALA A 259 0.01 -10.06 11.50
C ALA A 259 0.92 -9.29 12.44
N LEU A 260 0.34 -8.60 13.41
CA LEU A 260 1.11 -7.82 14.38
C LEU A 260 1.80 -8.72 15.41
N THR A 261 3.03 -8.38 15.75
CA THR A 261 3.75 -9.08 16.80
C THR A 261 3.76 -8.24 18.07
N ILE A 262 3.42 -6.97 17.93
CA ILE A 262 3.36 -6.05 19.06
C ILE A 262 1.94 -5.97 19.59
N ALA A 263 1.80 -5.62 20.86
CA ALA A 263 0.49 -5.55 21.52
C ALA A 263 -0.36 -4.44 20.93
N HIS A 264 -1.68 -4.56 21.11
CA HIS A 264 -2.61 -3.60 20.52
C HIS A 264 -3.96 -3.59 21.23
N THR A 265 -4.62 -2.43 21.22
CA THR A 265 -5.96 -2.30 21.79
C THR A 265 -6.97 -2.07 20.67
N ARG A 266 -8.08 -2.78 20.71
CA ARG A 266 -9.13 -2.63 19.72
C ARG A 266 -10.24 -1.71 20.24
N HIS A 267 -10.49 -0.62 19.52
CA HIS A 267 -11.49 0.35 19.93
C HIS A 267 -12.13 1.00 18.70
N ASP A 268 -13.27 0.47 18.27
CA ASP A 268 -13.87 0.86 16.99
C ASP A 268 -14.73 2.13 17.04
N THR A 269 -15.19 2.51 18.22
CA THR A 269 -16.16 3.60 18.33
C THR A 269 -15.51 4.97 18.50
N LEU A 270 -14.22 5.08 18.20
CA LEU A 270 -13.47 6.33 18.40
C LEU A 270 -14.11 7.52 17.68
N ILE A 271 -14.37 7.35 16.38
CA ILE A 271 -14.90 8.42 15.55
C ILE A 271 -16.31 8.83 16.00
N LEU A 272 -17.18 7.84 16.16
CA LEU A 272 -18.56 8.10 16.58
C LEU A 272 -18.62 8.72 17.97
N SER A 273 -17.70 8.31 18.84
CA SER A 273 -17.63 8.87 20.19
C SER A 273 -17.19 10.33 20.12
N GLY A 274 -16.25 10.62 19.24
CA GLY A 274 -15.78 11.99 19.04
C GLY A 274 -16.88 12.91 18.58
N LEU A 275 -17.67 12.44 17.61
CA LEU A 275 -18.82 13.18 17.12
C LEU A 275 -19.83 13.42 18.25
N ALA A 276 -20.02 12.43 19.10
CA ALA A 276 -20.95 12.52 20.22
C ALA A 276 -20.51 13.57 21.23
N LEU A 277 -19.21 13.59 21.52
CA LEU A 277 -18.65 14.56 22.45
C LEU A 277 -18.78 15.98 21.90
N ILE A 278 -18.60 16.10 20.58
CA ILE A 278 -18.75 17.37 19.90
C ILE A 278 -20.22 17.79 19.96
N ALA A 279 -21.11 16.84 19.73
CA ALA A 279 -22.55 17.09 19.73
C ALA A 279 -23.07 17.39 21.13
N ALA A 280 -22.44 16.80 22.14
CA ALA A 280 -22.85 17.01 23.52
C ALA A 280 -22.44 18.40 24.01
N ASP A 281 -21.30 18.88 23.52
CA ASP A 281 -20.78 20.18 23.93
C ASP A 281 -21.57 21.33 23.30
N PRO B 28 25.73 -11.43 -29.18
CA PRO B 28 24.93 -10.26 -29.58
C PRO B 28 23.44 -10.49 -29.43
N HIS B 29 22.93 -10.38 -28.20
CA HIS B 29 21.52 -10.64 -27.92
C HIS B 29 20.81 -9.40 -27.41
N LEU B 30 19.61 -9.15 -27.94
CA LEU B 30 18.76 -8.08 -27.45
C LEU B 30 17.86 -8.62 -26.35
N LEU B 31 17.81 -7.91 -25.22
CA LEU B 31 17.00 -8.35 -24.08
C LEU B 31 15.93 -7.31 -23.76
N ILE B 32 14.72 -7.77 -23.49
CA ILE B 32 13.61 -6.86 -23.24
C ILE B 32 12.89 -7.20 -21.95
N ASP B 33 12.82 -6.23 -21.05
CA ASP B 33 12.09 -6.39 -19.79
C ASP B 33 10.84 -5.51 -19.78
N ALA B 34 9.72 -6.06 -20.23
CA ALA B 34 8.48 -5.31 -20.32
C ALA B 34 7.67 -5.44 -19.02
N GLY B 35 7.55 -4.32 -18.30
CA GLY B 35 6.75 -4.27 -17.09
C GLY B 35 5.48 -3.47 -17.30
N ASN B 36 4.68 -3.33 -16.25
CA ASN B 36 3.39 -2.66 -16.36
C ASN B 36 3.50 -1.14 -16.46
N SER B 37 4.64 -0.58 -16.07
CA SER B 37 4.83 0.86 -16.09
C SER B 37 5.70 1.31 -17.27
N ARG B 38 6.68 0.50 -17.62
CA ARG B 38 7.52 0.80 -18.78
C ARG B 38 8.27 -0.43 -19.29
N ILE B 39 8.92 -0.28 -20.44
CA ILE B 39 9.62 -1.39 -21.09
C ILE B 39 11.11 -1.12 -21.09
N LYS B 40 11.86 -1.97 -20.39
CA LYS B 40 13.31 -1.82 -20.32
C LYS B 40 13.98 -2.75 -21.32
N TRP B 41 15.07 -2.29 -21.93
CA TRP B 41 15.81 -3.12 -22.87
C TRP B 41 17.31 -2.98 -22.70
N ALA B 42 18.05 -3.95 -23.24
CA ALA B 42 19.50 -3.94 -23.18
C ALA B 42 20.09 -4.79 -24.30
N LEU B 43 21.33 -4.50 -24.66
CA LEU B 43 22.07 -5.29 -25.64
C LEU B 43 23.34 -5.84 -25.02
N ALA B 44 23.45 -7.16 -24.95
CA ALA B 44 24.62 -7.79 -24.35
C ALA B 44 25.48 -8.47 -25.41
N ASP B 45 26.79 -8.42 -25.23
CA ASP B 45 27.71 -9.07 -26.16
C ASP B 45 27.94 -10.52 -25.78
N ALA B 46 29.07 -11.08 -26.20
CA ALA B 46 29.41 -12.46 -25.92
C ALA B 46 29.64 -12.68 -24.42
N ARG B 47 30.28 -11.71 -23.78
CA ARG B 47 30.56 -11.79 -22.35
C ARG B 47 29.40 -11.26 -21.52
N ARG B 48 28.23 -11.18 -22.15
CA ARG B 48 27.00 -10.71 -21.51
C ARG B 48 27.13 -9.30 -20.94
N THR B 49 28.07 -8.52 -21.48
CA THR B 49 28.24 -7.14 -21.06
C THR B 49 27.19 -6.25 -21.70
N LEU B 50 26.39 -5.58 -20.88
CA LEU B 50 25.32 -4.72 -21.38
C LEU B 50 25.92 -3.45 -21.99
N VAL B 51 26.26 -3.52 -23.27
CA VAL B 51 26.93 -2.41 -23.96
C VAL B 51 25.95 -1.28 -24.24
N ASP B 52 24.67 -1.61 -24.39
CA ASP B 52 23.64 -0.60 -24.62
C ASP B 52 22.43 -0.85 -23.73
N THR B 53 21.89 0.21 -23.15
CA THR B 53 20.70 0.12 -22.32
C THR B 53 19.72 1.24 -22.67
N GLY B 54 18.45 1.05 -22.32
CA GLY B 54 17.43 2.04 -22.57
C GLY B 54 16.08 1.66 -22.01
N ALA B 55 15.13 2.57 -22.11
CA ALA B 55 13.78 2.33 -21.60
C ALA B 55 12.78 3.27 -22.26
N PHE B 56 11.55 2.79 -22.43
CA PHE B 56 10.49 3.62 -22.99
C PHE B 56 9.14 3.26 -22.38
N GLY B 57 8.22 4.22 -22.42
CA GLY B 57 6.91 4.05 -21.81
C GLY B 57 5.88 3.42 -22.73
N HIS B 58 4.72 3.11 -22.17
CA HIS B 58 3.64 2.51 -22.95
C HIS B 58 2.90 3.56 -23.75
N THR B 59 2.27 3.12 -24.84
CA THR B 59 1.54 4.01 -25.74
C THR B 59 0.38 4.70 -25.03
N ARG B 60 -0.19 4.01 -24.04
CA ARG B 60 -1.32 4.55 -23.28
C ARG B 60 -0.87 5.70 -22.38
N ASP B 61 0.44 5.79 -22.13
CA ASP B 61 0.99 6.84 -21.28
C ASP B 61 1.74 7.87 -22.12
N GLY B 62 1.57 7.79 -23.44
CA GLY B 62 2.24 8.70 -24.35
C GLY B 62 3.71 8.37 -24.51
N GLY B 63 4.05 7.11 -24.32
CA GLY B 63 5.43 6.67 -24.44
C GLY B 63 5.92 6.65 -25.88
N ALA B 64 7.17 7.07 -26.08
CA ALA B 64 7.77 7.06 -27.40
C ALA B 64 8.35 5.68 -27.70
N ASP B 65 8.81 5.50 -28.94
CA ASP B 65 9.46 4.25 -29.34
C ASP B 65 10.93 4.27 -28.94
N PRO B 66 11.52 3.08 -28.75
CA PRO B 66 12.96 3.02 -28.43
C PRO B 66 13.82 3.40 -29.62
N ASP B 67 14.95 4.05 -29.36
CA ASP B 67 15.86 4.42 -30.43
C ASP B 67 16.85 3.29 -30.68
N TRP B 68 16.54 2.45 -31.65
CA TRP B 68 17.41 1.33 -32.02
C TRP B 68 18.07 1.58 -33.36
N SER B 69 18.37 2.84 -33.64
CA SER B 69 18.97 3.24 -34.92
C SER B 69 20.46 2.91 -34.96
N ARG B 70 21.20 3.39 -33.95
CA ARG B 70 22.63 3.13 -33.87
C ARG B 70 22.91 1.81 -33.16
N LEU B 71 22.08 0.81 -33.43
CA LEU B 71 22.19 -0.49 -32.78
C LEU B 71 22.42 -1.59 -33.80
N PRO B 72 23.44 -2.44 -33.55
CA PRO B 72 23.74 -3.57 -34.44
C PRO B 72 22.60 -4.59 -34.47
N ARG B 73 22.57 -5.43 -35.51
CA ARG B 73 21.57 -6.48 -35.61
C ARG B 73 21.92 -7.64 -34.68
N PRO B 74 21.08 -7.87 -33.67
CA PRO B 74 21.30 -8.98 -32.74
C PRO B 74 21.05 -10.33 -33.41
N ARG B 75 21.58 -11.39 -32.81
CA ARG B 75 21.33 -12.74 -33.31
C ARG B 75 19.90 -13.15 -33.00
N GLY B 76 19.35 -12.55 -31.95
CA GLY B 76 17.99 -12.83 -31.55
C GLY B 76 17.52 -11.94 -30.41
N ALA B 77 16.25 -12.04 -30.05
CA ALA B 77 15.69 -11.24 -28.97
C ALA B 77 15.04 -12.13 -27.91
N TRP B 78 15.32 -11.82 -26.64
CA TRP B 78 14.70 -12.53 -25.54
C TRP B 78 13.81 -11.57 -24.76
N ILE B 79 12.54 -11.94 -24.60
CA ILE B 79 11.54 -11.04 -24.06
C ILE B 79 10.95 -11.55 -22.75
N SER B 80 10.90 -10.67 -21.76
CA SER B 80 10.13 -10.90 -20.55
C SER B 80 8.98 -9.90 -20.51
N ASN B 81 7.75 -10.40 -20.61
CA ASN B 81 6.58 -9.52 -20.66
C ASN B 81 5.49 -9.94 -19.69
N VAL B 82 5.24 -9.08 -18.71
CA VAL B 82 4.15 -9.29 -17.76
C VAL B 82 3.11 -8.20 -17.93
N ALA B 83 3.20 -7.48 -19.05
CA ALA B 83 2.36 -6.31 -19.28
C ALA B 83 1.16 -6.61 -20.18
N GLY B 84 1.01 -7.86 -20.61
CA GLY B 84 -0.16 -8.25 -21.36
C GLY B 84 0.04 -8.45 -22.85
N ALA B 85 -1.04 -8.83 -23.54
CA ALA B 85 -0.99 -9.21 -24.95
C ALA B 85 -0.72 -8.04 -25.88
N ASP B 86 -1.28 -6.87 -25.57
CA ASP B 86 -1.09 -5.69 -26.41
C ASP B 86 0.37 -5.25 -26.44
N VAL B 87 1.01 -5.31 -25.29
CA VAL B 87 2.43 -4.97 -25.19
C VAL B 87 3.24 -6.00 -25.96
N ALA B 88 2.82 -7.27 -25.90
CA ALA B 88 3.48 -8.34 -26.64
C ALA B 88 3.42 -8.06 -28.13
N ALA B 89 2.29 -7.56 -28.60
CA ALA B 89 2.11 -7.24 -30.01
C ALA B 89 2.96 -6.03 -30.42
N ARG B 90 3.00 -5.02 -29.57
CA ARG B 90 3.79 -3.82 -29.86
C ARG B 90 5.27 -4.13 -29.96
N ILE B 91 5.76 -4.96 -29.06
CA ILE B 91 7.16 -5.36 -29.05
C ILE B 91 7.51 -6.07 -30.35
N ASP B 92 6.61 -6.94 -30.81
CA ASP B 92 6.79 -7.66 -32.06
C ASP B 92 6.85 -6.70 -33.25
N ALA B 93 6.01 -5.68 -33.23
CA ALA B 93 5.98 -4.68 -34.29
C ALA B 93 7.28 -3.88 -34.32
N LEU B 94 7.76 -3.52 -33.13
CA LEU B 94 9.02 -2.78 -33.01
C LEU B 94 10.18 -3.55 -33.60
N LEU B 95 10.23 -4.85 -33.30
CA LEU B 95 11.29 -5.72 -33.78
C LEU B 95 11.19 -5.92 -35.30
N ASP B 96 9.97 -6.08 -35.79
CA ASP B 96 9.74 -6.29 -37.22
C ASP B 96 10.04 -5.04 -38.04
N ALA B 97 9.92 -3.88 -37.40
CA ALA B 97 10.19 -2.61 -38.08
C ALA B 97 11.69 -2.35 -38.18
N ARG B 98 12.40 -2.66 -37.10
CA ARG B 98 13.84 -2.42 -37.04
C ARG B 98 14.62 -3.56 -37.71
N TRP B 99 14.43 -4.78 -37.22
CA TRP B 99 15.09 -5.94 -37.80
C TRP B 99 14.06 -6.96 -38.29
N PRO B 100 13.65 -6.84 -39.57
CA PRO B 100 12.65 -7.73 -40.17
C PRO B 100 12.99 -9.22 -40.05
N GLY B 101 12.11 -9.99 -39.44
CA GLY B 101 12.28 -11.42 -39.31
C GLY B 101 13.25 -11.87 -38.24
N LEU B 102 13.51 -10.99 -37.28
CA LEU B 102 14.44 -11.29 -36.19
C LEU B 102 13.90 -12.40 -35.28
N PRO B 103 14.73 -13.42 -35.02
CA PRO B 103 14.38 -14.49 -34.09
C PRO B 103 14.09 -13.96 -32.69
N ARG B 104 12.95 -14.33 -32.12
CA ARG B 104 12.61 -13.87 -30.78
C ARG B 104 12.02 -14.98 -29.92
N THR B 105 12.26 -14.87 -28.61
CA THR B 105 11.75 -15.82 -27.64
C THR B 105 11.15 -15.08 -26.45
N THR B 106 9.91 -15.42 -26.11
CA THR B 106 9.29 -14.89 -24.91
C THR B 106 9.44 -15.90 -23.78
N ILE B 107 10.18 -15.53 -22.74
CA ILE B 107 10.49 -16.46 -21.67
C ILE B 107 9.31 -16.63 -20.72
N ARG B 108 9.23 -17.82 -20.13
CA ARG B 108 8.25 -18.09 -19.08
C ARG B 108 8.99 -18.66 -17.88
N SER B 109 8.40 -18.50 -16.70
CA SER B 109 9.00 -19.04 -15.49
C SER B 109 9.03 -20.56 -15.57
N ARG B 110 10.17 -21.14 -15.20
CA ARG B 110 10.36 -22.58 -15.28
C ARG B 110 10.55 -23.19 -13.89
N PRO B 111 10.27 -24.49 -13.74
CA PRO B 111 10.47 -25.18 -12.46
C PRO B 111 11.91 -25.08 -11.97
N ALA B 112 12.86 -25.05 -12.90
CA ALA B 112 14.28 -24.93 -12.57
C ALA B 112 15.06 -24.46 -13.80
N GLN B 113 16.01 -23.56 -13.58
CA GLN B 113 16.77 -22.99 -14.69
C GLN B 113 17.98 -22.19 -14.19
N CYS B 114 19.13 -22.41 -14.83
CA CYS B 114 20.35 -21.65 -14.56
C CYS B 114 20.71 -21.55 -13.07
N GLY B 115 20.68 -22.68 -12.39
CA GLY B 115 21.09 -22.75 -10.99
C GLY B 115 20.00 -22.40 -9.99
N VAL B 116 18.84 -22.01 -10.48
CA VAL B 116 17.74 -21.61 -9.61
C VAL B 116 16.57 -22.59 -9.72
N THR B 117 16.00 -22.98 -8.59
CA THR B 117 14.81 -23.81 -8.57
C THR B 117 13.59 -22.97 -8.15
N ASN B 118 12.46 -23.23 -8.78
CA ASN B 118 11.24 -22.47 -8.52
C ASN B 118 10.41 -23.11 -7.40
N GLY B 119 10.25 -22.38 -6.30
CA GLY B 119 9.51 -22.89 -5.16
C GLY B 119 8.02 -22.68 -5.21
N TYR B 120 7.55 -22.00 -6.25
CA TYR B 120 6.12 -21.81 -6.46
C TYR B 120 5.44 -23.16 -6.65
N THR B 121 4.27 -23.32 -6.03
CA THR B 121 3.48 -24.54 -6.17
C THR B 121 3.20 -24.80 -7.65
N THR B 122 2.88 -23.73 -8.37
CA THR B 122 2.77 -23.76 -9.83
C THR B 122 3.80 -22.78 -10.39
N PRO B 123 4.99 -23.31 -10.76
CA PRO B 123 6.14 -22.52 -11.19
C PRO B 123 5.84 -21.48 -12.28
N GLU B 124 4.99 -21.83 -13.23
CA GLU B 124 4.67 -20.93 -14.34
C GLU B 124 3.91 -19.69 -13.87
N GLN B 125 3.27 -19.79 -12.72
CA GLN B 125 2.48 -18.70 -12.17
C GLN B 125 3.37 -17.51 -11.79
N LEU B 126 4.65 -17.79 -11.53
CA LEU B 126 5.60 -16.75 -11.16
C LEU B 126 5.88 -15.81 -12.33
N GLY B 127 5.90 -14.51 -12.06
CA GLY B 127 6.21 -13.53 -13.09
C GLY B 127 7.58 -13.75 -13.71
N SER B 128 7.64 -13.71 -15.04
CA SER B 128 8.88 -13.98 -15.76
C SER B 128 9.98 -12.98 -15.39
N ASP B 129 9.59 -11.77 -15.03
CA ASP B 129 10.55 -10.75 -14.62
C ASP B 129 11.15 -11.11 -13.26
N ARG B 130 10.32 -11.66 -12.38
CA ARG B 130 10.80 -12.13 -11.08
C ARG B 130 11.71 -13.32 -11.27
N TRP B 131 11.38 -14.17 -12.23
CA TRP B 131 12.16 -15.36 -12.54
C TRP B 131 13.54 -15.00 -13.07
N ALA B 132 13.58 -14.06 -14.01
CA ALA B 132 14.83 -13.61 -14.61
C ALA B 132 15.68 -12.89 -13.54
N GLY B 133 15.02 -12.11 -12.70
CA GLY B 133 15.71 -11.41 -11.62
C GLY B 133 16.36 -12.35 -10.64
N LEU B 134 15.69 -13.47 -10.38
CA LEU B 134 16.22 -14.50 -9.49
C LEU B 134 17.49 -15.11 -10.07
N ILE B 135 17.46 -15.38 -11.37
CA ILE B 135 18.60 -15.97 -12.09
C ILE B 135 19.76 -14.99 -12.07
N GLY B 136 19.46 -13.70 -12.21
CA GLY B 136 20.48 -12.67 -12.18
C GLY B 136 21.10 -12.51 -10.80
N ALA B 137 20.27 -12.62 -9.76
CA ALA B 137 20.72 -12.45 -8.40
C ALA B 137 21.56 -13.65 -7.93
N HIS B 138 21.20 -14.83 -8.39
CA HIS B 138 21.92 -16.05 -8.05
C HIS B 138 23.36 -15.98 -8.54
N ALA B 139 23.55 -15.39 -9.72
CA ALA B 139 24.88 -15.27 -10.31
C ALA B 139 25.65 -14.11 -9.70
N ALA B 140 24.96 -13.01 -9.44
CA ALA B 140 25.60 -11.80 -8.94
C ALA B 140 26.12 -11.94 -7.52
N PHE B 141 25.45 -12.76 -6.71
CA PHE B 141 25.86 -12.96 -5.33
C PHE B 141 25.98 -14.45 -4.99
N PRO B 142 27.02 -15.11 -5.51
CA PRO B 142 27.21 -16.55 -5.26
C PRO B 142 27.51 -16.87 -3.81
N GLY B 143 26.88 -17.91 -3.27
CA GLY B 143 27.12 -18.35 -1.91
C GLY B 143 26.46 -17.50 -0.85
N GLU B 144 25.39 -16.79 -1.21
CA GLU B 144 24.69 -15.94 -0.26
C GLU B 144 23.17 -16.16 -0.29
N HIS B 145 22.57 -16.17 0.90
CA HIS B 145 21.12 -16.11 1.01
C HIS B 145 20.71 -14.67 0.71
N LEU B 146 19.61 -14.49 -0.02
CA LEU B 146 19.21 -13.15 -0.45
C LEU B 146 17.74 -12.84 -0.19
N LEU B 147 17.47 -11.58 0.11
CA LEU B 147 16.12 -11.03 0.05
C LEU B 147 16.09 -9.97 -1.03
N ILE B 148 15.41 -10.26 -2.13
CA ILE B 148 15.39 -9.37 -3.28
C ILE B 148 14.16 -8.48 -3.24
N ALA B 149 14.38 -7.18 -3.13
CA ALA B 149 13.29 -6.21 -3.18
C ALA B 149 13.35 -5.42 -4.47
N THR B 150 12.35 -5.63 -5.33
CA THR B 150 12.28 -4.93 -6.61
C THR B 150 11.16 -3.90 -6.59
N PHE B 151 11.49 -2.66 -6.94
CA PHE B 151 10.53 -1.57 -6.92
C PHE B 151 10.09 -1.17 -8.32
N GLY B 152 8.89 -1.60 -8.70
CA GLY B 152 8.30 -1.22 -9.97
C GLY B 152 6.88 -0.75 -9.78
N THR B 153 6.00 -1.14 -10.71
CA THR B 153 4.57 -0.92 -10.54
C THR B 153 4.14 -1.55 -9.23
N ALA B 154 4.66 -2.75 -9.00
CA ALA B 154 4.46 -3.44 -7.73
C ALA B 154 5.80 -3.57 -7.04
N THR B 155 5.78 -3.68 -5.71
CA THR B 155 6.96 -4.05 -4.96
C THR B 155 6.94 -5.56 -4.72
N THR B 156 7.93 -6.26 -5.25
CA THR B 156 8.01 -7.70 -5.08
C THR B 156 9.18 -8.09 -4.20
N LEU B 157 8.97 -9.10 -3.36
CA LEU B 157 10.03 -9.63 -2.53
CA LEU B 157 10.00 -9.65 -2.49
C LEU B 157 10.19 -11.12 -2.79
N GLU B 158 11.45 -11.57 -2.85
CA GLU B 158 11.76 -12.97 -3.06
C GLU B 158 12.85 -13.43 -2.10
N ALA B 159 12.63 -14.59 -1.49
CA ALA B 159 13.65 -15.21 -0.65
C ALA B 159 14.43 -16.25 -1.45
N LEU B 160 15.72 -16.01 -1.60
CA LEU B 160 16.56 -16.89 -2.41
C LEU B 160 17.73 -17.44 -1.59
N ARG B 161 17.79 -18.75 -1.44
CA ARG B 161 18.90 -19.39 -0.74
C ARG B 161 20.12 -19.47 -1.62
N ALA B 162 21.29 -19.62 -1.00
CA ALA B 162 22.56 -19.65 -1.71
C ALA B 162 22.61 -20.80 -2.71
N ASP B 163 21.99 -21.93 -2.37
CA ASP B 163 21.99 -23.10 -3.23
C ASP B 163 21.08 -22.92 -4.45
N GLY B 164 20.39 -21.80 -4.51
CA GLY B 164 19.56 -21.47 -5.66
C GLY B 164 18.08 -21.63 -5.42
N CYS B 165 17.71 -22.08 -4.22
CA CYS B 165 16.31 -22.32 -3.90
C CYS B 165 15.53 -21.03 -3.68
N PHE B 166 14.64 -20.71 -4.62
CA PHE B 166 13.67 -19.65 -4.42
C PHE B 166 12.52 -20.21 -3.59
N THR B 167 12.49 -19.87 -2.31
CA THR B 167 11.60 -20.54 -1.36
C THR B 167 10.23 -19.88 -1.21
N GLY B 168 10.09 -18.66 -1.71
CA GLY B 168 8.81 -17.96 -1.62
C GLY B 168 8.92 -16.46 -1.73
N GLY B 169 7.78 -15.78 -1.78
CA GLY B 169 7.79 -14.33 -1.94
C GLY B 169 6.55 -13.57 -1.51
N LEU B 170 6.60 -12.25 -1.71
CA LEU B 170 5.49 -11.35 -1.37
C LEU B 170 5.26 -10.34 -2.49
N ILE B 171 4.02 -9.88 -2.62
CA ILE B 171 3.69 -8.88 -3.62
C ILE B 171 2.87 -7.75 -2.99
N ALA B 172 3.30 -6.52 -3.22
CA ALA B 172 2.61 -5.35 -2.73
C ALA B 172 2.67 -4.24 -3.78
N PRO B 173 1.74 -3.27 -3.72
CA PRO B 173 1.85 -2.16 -4.68
C PRO B 173 3.10 -1.32 -4.43
N GLY B 174 3.67 -0.77 -5.49
CA GLY B 174 4.83 0.09 -5.37
C GLY B 174 4.49 1.45 -4.78
N TRP B 175 5.52 2.22 -4.45
CA TRP B 175 5.36 3.54 -3.84
C TRP B 175 4.43 4.43 -4.66
N ALA B 176 4.71 4.51 -5.96
CA ALA B 176 3.90 5.33 -6.87
C ALA B 176 2.45 4.86 -6.92
N LEU B 177 2.26 3.55 -7.01
CA LEU B 177 0.93 2.98 -7.11
C LEU B 177 0.10 3.21 -5.85
N ARG B 180 -0.93 6.85 -5.88
CA ARG B 180 -1.87 6.98 -6.99
C ARG B 180 -3.24 6.45 -6.59
N ALA B 181 -3.24 5.30 -5.92
CA ALA B 181 -4.47 4.68 -5.45
C ALA B 181 -5.20 5.56 -4.44
N LEU B 182 -4.43 6.22 -3.58
CA LEU B 182 -4.99 7.13 -2.59
C LEU B 182 -5.64 8.34 -3.26
N GLY B 183 -5.01 8.82 -4.32
CA GLY B 183 -5.50 10.00 -5.01
C GLY B 183 -6.78 9.78 -5.81
N THR B 184 -6.97 8.58 -6.33
CA THR B 184 -8.10 8.29 -7.21
C THR B 184 -9.27 7.67 -6.47
N HIS B 185 -9.02 7.10 -5.29
CA HIS B 185 -10.06 6.39 -4.56
C HIS B 185 -10.53 7.14 -3.32
N THR B 186 -10.08 8.38 -3.15
CA THR B 186 -10.60 9.25 -2.11
C THR B 186 -11.00 10.59 -2.72
N ALA B 187 -11.78 11.37 -1.97
CA ALA B 187 -12.28 12.64 -2.48
C ALA B 187 -11.33 13.80 -2.18
N GLN B 188 -10.58 13.69 -1.09
CA GLN B 188 -9.83 14.83 -0.57
C GLN B 188 -8.30 14.70 -0.66
N LEU B 189 -7.81 13.51 -1.00
CA LEU B 189 -6.37 13.32 -1.10
C LEU B 189 -5.88 13.65 -2.50
N PRO B 190 -4.75 14.38 -2.59
CA PRO B 190 -4.13 14.73 -3.88
C PRO B 190 -3.37 13.56 -4.50
N THR B 191 -3.22 13.58 -5.82
CA THR B 191 -2.40 12.59 -6.49
C THR B 191 -0.97 13.10 -6.63
N LEU B 192 -0.04 12.44 -5.95
CA LEU B 192 1.36 12.86 -5.95
C LEU B 192 2.23 11.90 -6.75
N THR B 193 3.16 12.46 -7.52
CA THR B 193 4.17 11.66 -8.20
C THR B 193 5.31 11.38 -7.23
N THR B 194 6.14 10.40 -7.55
CA THR B 194 7.28 10.08 -6.71
C THR B 194 8.28 11.23 -6.70
N ASP B 195 8.38 11.94 -7.82
CA ASP B 195 9.23 13.12 -7.91
C ASP B 195 8.81 14.18 -6.90
N ILE B 196 7.51 14.47 -6.86
CA ILE B 196 6.96 15.44 -5.93
C ILE B 196 7.10 14.91 -4.50
N ALA B 197 6.71 13.65 -4.30
CA ALA B 197 6.73 13.02 -2.98
C ALA B 197 8.14 13.01 -2.38
N SER B 198 9.13 12.68 -3.20
CA SER B 198 10.51 12.62 -2.76
C SER B 198 11.00 13.98 -2.27
N GLY B 199 10.64 15.04 -2.99
CA GLY B 199 11.02 16.39 -2.62
C GLY B 199 10.36 16.83 -1.33
N LEU B 200 9.14 16.36 -1.11
CA LEU B 200 8.38 16.70 0.09
C LEU B 200 9.05 16.15 1.35
N LEU B 201 9.46 14.89 1.29
CA LEU B 201 10.09 14.22 2.43
C LEU B 201 11.46 14.79 2.73
N ALA B 202 12.10 15.36 1.72
CA ALA B 202 13.42 15.95 1.89
C ALA B 202 13.37 17.15 2.85
N GLY B 203 12.29 17.92 2.75
CA GLY B 203 12.12 19.10 3.58
C GLY B 203 11.42 18.85 4.90
N ALA B 204 11.06 17.59 5.15
CA ALA B 204 10.37 17.22 6.38
C ALA B 204 11.32 16.59 7.39
N GLN B 205 10.99 16.74 8.67
CA GLN B 205 11.80 16.18 9.74
C GLN B 205 11.05 15.07 10.47
N GLU B 207 11.30 10.99 9.88
CA GLU B 207 10.22 10.55 10.76
C GLU B 207 8.96 10.28 9.96
N PRO B 208 8.22 9.22 10.34
CA PRO B 208 6.98 8.85 9.65
C PRO B 208 5.84 9.84 9.87
N PHE B 209 5.87 10.55 10.99
CA PHE B 209 4.75 11.40 11.37
C PHE B 209 4.90 12.83 10.81
N GLN B 210 3.87 13.26 10.09
CA GLN B 210 3.90 14.54 9.40
C GLN B 210 2.76 15.46 9.85
N VAL B 211 2.86 16.75 9.51
CA VAL B 211 1.88 17.73 9.95
C VAL B 211 1.15 18.38 8.78
N ASP B 212 1.17 17.72 7.62
CA ASP B 212 0.39 18.17 6.48
C ASP B 212 0.03 16.98 5.59
N THR B 213 -0.94 17.19 4.68
CA THR B 213 -1.51 16.09 3.91
C THR B 213 -0.54 15.45 2.90
N PRO B 214 0.11 16.24 2.02
CA PRO B 214 0.95 15.55 1.03
C PRO B 214 2.15 14.83 1.65
N ARG B 215 2.65 15.33 2.77
CA ARG B 215 3.79 14.69 3.43
C ARG B 215 3.36 13.46 4.22
N SER B 216 2.18 13.52 4.83
CA SER B 216 1.62 12.36 5.52
C SER B 216 1.41 11.23 4.53
N LEU B 217 0.88 11.59 3.36
CA LEU B 217 0.61 10.66 2.29
C LEU B 217 1.92 10.06 1.76
N SER B 218 2.89 10.92 1.47
CA SER B 218 4.18 10.48 0.95
C SER B 218 4.92 9.59 1.94
N ALA B 219 4.94 10.00 3.20
CA ALA B 219 5.63 9.25 4.25
C ALA B 219 4.90 7.96 4.58
N GLY B 220 3.57 8.03 4.62
CA GLY B 220 2.75 6.86 4.93
C GLY B 220 3.00 5.70 3.97
N CYS B 221 3.04 6.02 2.68
CA CYS B 221 3.25 5.01 1.65
C CYS B 221 4.71 4.52 1.64
N LEU B 222 5.63 5.43 1.90
CA LEU B 222 7.05 5.09 1.88
C LEU B 222 7.40 4.14 3.02
N TYR B 223 6.86 4.41 4.20
CA TYR B 223 7.15 3.60 5.37
C TYR B 223 6.33 2.31 5.34
N ALA B 224 5.37 2.23 4.44
CA ALA B 224 4.68 0.98 4.16
C ALA B 224 5.63 0.07 3.38
N GLN B 225 6.45 0.67 2.54
CA GLN B 225 7.46 -0.06 1.78
C GLN B 225 8.60 -0.50 2.70
N ALA B 226 9.15 0.45 3.45
CA ALA B 226 10.25 0.18 4.37
C ALA B 226 9.81 -0.80 5.45
N GLY B 227 8.63 -0.58 6.01
CA GLY B 227 8.09 -1.46 7.03
C GLY B 227 7.87 -2.88 6.56
N LEU B 228 7.37 -3.01 5.34
CA LEU B 228 7.18 -4.32 4.72
C LEU B 228 8.49 -5.07 4.59
N ILE B 229 9.49 -4.40 4.01
CA ILE B 229 10.78 -5.01 3.75
C ILE B 229 11.51 -5.38 5.03
N GLU B 230 11.53 -4.44 5.98
CA GLU B 230 12.23 -4.66 7.24
C GLU B 230 11.65 -5.83 8.02
N ARG B 231 10.34 -5.94 8.02
CA ARG B 231 9.65 -7.05 8.69
C ARG B 231 9.98 -8.37 8.00
N ALA B 232 9.98 -8.34 6.67
CA ALA B 232 10.27 -9.53 5.88
C ALA B 232 11.70 -10.02 6.12
N TRP B 233 12.64 -9.07 6.15
CA TRP B 233 14.04 -9.40 6.32
C TRP B 233 14.32 -10.04 7.68
N ARG B 234 13.77 -9.45 8.73
CA ARG B 234 13.94 -9.99 10.08
C ARG B 234 13.27 -11.35 10.20
N ASP B 235 12.18 -11.54 9.48
CA ASP B 235 11.49 -12.83 9.43
C ASP B 235 12.34 -13.87 8.72
N LEU B 236 13.04 -13.44 7.68
CA LEU B 236 13.87 -14.35 6.89
C LEU B 236 15.13 -14.73 7.65
N VAL B 237 15.71 -13.77 8.37
CA VAL B 237 16.90 -14.02 9.16
C VAL B 237 16.59 -14.97 10.31
N ALA B 238 15.47 -14.74 10.97
CA ALA B 238 15.05 -15.58 12.09
C ALA B 238 14.71 -17.00 11.63
N ALA B 239 14.27 -17.12 10.38
CA ALA B 239 13.86 -18.42 9.86
C ALA B 239 15.05 -19.25 9.39
N TRP B 240 16.04 -18.60 8.79
CA TRP B 240 17.17 -19.31 8.21
C TRP B 240 18.39 -19.32 9.13
N GLN B 241 18.24 -18.74 10.32
CA GLN B 241 19.32 -18.60 11.31
C GLN B 241 20.69 -18.35 10.69
N ALA B 242 20.75 -17.44 9.72
CA ALA B 242 21.95 -17.20 8.94
C ALA B 242 21.91 -15.80 8.32
N PRO B 243 23.08 -15.26 7.95
CA PRO B 243 23.13 -13.94 7.31
C PRO B 243 22.33 -13.88 6.00
N VAL B 244 21.59 -12.79 5.81
CA VAL B 244 20.82 -12.56 4.60
C VAL B 244 21.09 -11.18 4.06
N ARG B 245 21.57 -11.10 2.81
CA ARG B 245 21.81 -9.80 2.19
C ARG B 245 20.53 -9.29 1.54
N LEU B 246 20.13 -8.06 1.91
CA LEU B 246 18.97 -7.41 1.32
C LEU B 246 19.37 -6.66 0.06
N VAL B 247 18.87 -7.11 -1.09
CA VAL B 247 19.20 -6.49 -2.36
C VAL B 247 18.04 -5.63 -2.83
N LEU B 248 18.34 -4.39 -3.20
CA LEU B 248 17.33 -3.45 -3.69
C LEU B 248 17.51 -3.16 -5.17
N ALA B 249 16.40 -3.10 -5.90
CA ALA B 249 16.43 -2.79 -7.32
C ALA B 249 15.22 -1.95 -7.72
N GLY B 250 15.45 -0.97 -8.59
CA GLY B 250 14.38 -0.10 -9.05
C GLY B 250 14.58 1.35 -8.67
N GLY B 251 13.90 2.25 -9.38
CA GLY B 251 14.04 3.68 -9.14
C GLY B 251 13.63 4.11 -7.74
N ALA B 252 12.59 3.48 -7.21
CA ALA B 252 12.07 3.85 -5.90
C ALA B 252 12.98 3.37 -4.77
N ALA B 253 13.96 2.55 -5.11
CA ALA B 253 14.89 2.01 -4.11
C ALA B 253 15.66 3.13 -3.40
N ASP B 254 15.96 4.18 -4.15
CA ASP B 254 16.65 5.34 -3.59
C ASP B 254 15.90 5.91 -2.39
N ASP B 255 14.61 6.15 -2.57
CA ASP B 255 13.79 6.77 -1.54
C ASP B 255 13.48 5.80 -0.40
N VAL B 256 13.33 4.52 -0.73
CA VAL B 256 13.04 3.51 0.27
C VAL B 256 14.26 3.23 1.15
N ALA B 257 15.44 3.23 0.52
CA ALA B 257 16.68 2.95 1.23
C ALA B 257 16.96 3.96 2.33
N ARG B 258 16.52 5.21 2.11
CA ARG B 258 16.77 6.28 3.07
C ARG B 258 15.96 6.11 4.35
N ALA B 259 14.94 5.26 4.30
CA ALA B 259 14.10 5.00 5.47
C ALA B 259 14.49 3.70 6.17
N LEU B 260 15.33 2.91 5.50
CA LEU B 260 15.75 1.62 6.05
C LEU B 260 16.74 1.78 7.19
N THR B 261 16.54 1.01 8.26
CA THR B 261 17.45 1.02 9.39
C THR B 261 18.28 -0.26 9.40
N ILE B 262 18.17 -1.04 8.33
CA ILE B 262 18.97 -2.24 8.17
C ILE B 262 19.83 -2.10 6.92
N ALA B 263 20.93 -2.87 6.87
CA ALA B 263 21.83 -2.82 5.73
C ALA B 263 21.13 -3.25 4.46
N HIS B 264 21.60 -2.75 3.31
CA HIS B 264 21.00 -3.06 2.03
C HIS B 264 22.00 -2.88 0.90
N THR B 265 21.76 -3.60 -0.21
CA THR B 265 22.65 -3.52 -1.35
C THR B 265 21.86 -3.16 -2.61
N ARG B 266 22.41 -2.24 -3.40
CA ARG B 266 21.75 -1.78 -4.62
C ARG B 266 22.26 -2.55 -5.84
N HIS B 267 21.34 -2.94 -6.71
CA HIS B 267 21.69 -3.68 -7.92
C HIS B 267 20.54 -3.60 -8.94
N ASP B 268 20.67 -2.71 -9.91
CA ASP B 268 19.56 -2.38 -10.80
C ASP B 268 19.56 -3.08 -12.16
N THR B 269 20.29 -4.18 -12.28
CA THR B 269 20.34 -4.89 -13.56
C THR B 269 20.09 -6.39 -13.42
N LEU B 270 19.48 -6.79 -12.32
CA LEU B 270 19.24 -8.20 -12.03
C LEU B 270 18.40 -8.89 -13.10
N ILE B 271 17.36 -8.21 -13.57
CA ILE B 271 16.45 -8.78 -14.55
C ILE B 271 17.12 -8.90 -15.91
N LEU B 272 17.79 -7.83 -16.33
CA LEU B 272 18.47 -7.83 -17.63
C LEU B 272 19.69 -8.73 -17.62
N SER B 273 20.32 -8.89 -16.45
CA SER B 273 21.44 -9.82 -16.32
C SER B 273 20.95 -11.26 -16.40
N GLY B 274 19.77 -11.50 -15.83
CA GLY B 274 19.17 -12.82 -15.87
C GLY B 274 18.78 -13.22 -17.28
N LEU B 275 18.22 -12.27 -18.02
CA LEU B 275 17.85 -12.50 -19.40
C LEU B 275 19.06 -12.86 -20.25
N ALA B 276 20.20 -12.25 -19.92
CA ALA B 276 21.45 -12.53 -20.62
C ALA B 276 21.88 -13.97 -20.40
N LEU B 277 21.76 -14.44 -19.16
CA LEU B 277 22.11 -15.82 -18.82
C LEU B 277 21.17 -16.81 -19.49
N ILE B 278 19.89 -16.46 -19.53
CA ILE B 278 18.89 -17.31 -20.17
C ILE B 278 19.16 -17.38 -21.67
N ALA B 279 19.51 -16.24 -22.26
CA ALA B 279 19.79 -16.17 -23.69
C ALA B 279 21.07 -16.91 -24.03
N ALA B 280 22.04 -16.85 -23.11
CA ALA B 280 23.33 -17.51 -23.31
C ALA B 280 23.18 -19.02 -23.33
N ASP B 281 22.31 -19.54 -22.46
CA ASP B 281 22.05 -20.97 -22.38
C ASP B 281 21.04 -21.41 -23.43
#